data_8FTV
#
_entry.id   8FTV
#
_cell.length_a   67.626
_cell.length_b   67.626
_cell.length_c   185.352
_cell.angle_alpha   90.00
_cell.angle_beta   90.00
_cell.angle_gamma   90.00
#
_symmetry.space_group_name_H-M   'P 43 21 2'
#
loop_
_entity.id
_entity.type
_entity.pdbx_description
1 polymer Methyltransferase
2 non-polymer S-ADENOSYL-L-HOMOCYSTEINE
3 non-polymer 'ZINC ION'
4 non-polymer '2-oxo-4-phenylbutanoic acid'
5 water water
#
_entity_poly.entity_id   1
_entity_poly.type   'polypeptide(L)'
_entity_poly.pdbx_seq_one_letter_code
;MATHDIAAQHLADGIAASGPAPDLAAAAAFLEMGDRLGVVAHLDPDRTLETAEVAAALDLPEPALVRYLDAVESAGLVIR
EGEGRYRACPDFDTIRHQAGYISWTMNANRPFIENARDFFTDWDKAARTHVRDYREVAVSSQWVGSHAFYPTALATIIDA
APRKVVDLGAGTCRLLIEVLGAVPGSTGVGLDFAADACRAAEQAVAQAGMTDRLTVVERTIQSVATDPGVLEGADVIHAG
FVFHDMLPEEEDVCDQVLANCRESLAPGGFLAITDAVPYLRNDRERRFSAAVSYYHGEFMRRRLQSEEEWVERLRGAGFS
DVRALTLAVPAGRLFLAHR
;
_entity_poly.pdbx_strand_id   A
#
loop_
_chem_comp.id
_chem_comp.type
_chem_comp.name
_chem_comp.formula
Y9E non-polymer '2-oxo-4-phenylbutanoic acid' 'C10 H10 O3'
ZN non-polymer 'ZINC ION' 'Zn 2'
#
# COMPACT_ATOMS: atom_id res chain seq x y z
N HIS A 4 -22.96 27.86 32.77
CA HIS A 4 -22.55 28.57 31.52
C HIS A 4 -21.02 28.74 31.51
N ASP A 5 -20.45 28.92 32.70
CA ASP A 5 -19.00 29.00 32.88
C ASP A 5 -18.40 27.64 32.56
N ILE A 6 -18.92 26.60 33.22
CA ILE A 6 -18.31 25.28 33.22
C ILE A 6 -18.65 24.53 31.94
N ALA A 7 -19.77 24.90 31.28
CA ALA A 7 -20.08 24.37 29.97
C ALA A 7 -18.99 24.77 28.97
N ALA A 8 -18.55 26.04 29.03
CA ALA A 8 -17.52 26.60 28.17
C ALA A 8 -16.15 25.98 28.44
N GLN A 9 -15.90 25.67 29.72
CA GLN A 9 -14.66 25.04 30.16
C GLN A 9 -14.67 23.58 29.72
N HIS A 10 -15.80 22.90 29.93
CA HIS A 10 -15.91 21.53 29.46
C HIS A 10 -15.80 21.52 27.93
N LEU A 11 -16.20 22.60 27.26
CA LEU A 11 -16.14 22.58 25.80
C LEU A 11 -14.67 22.63 25.37
N ALA A 12 -13.91 23.58 25.92
CA ALA A 12 -12.52 23.78 25.53
C ALA A 12 -11.70 22.53 25.86
N ASP A 13 -11.99 21.92 27.01
CA ASP A 13 -11.23 20.78 27.46
C ASP A 13 -11.53 19.57 26.57
N GLY A 14 -12.81 19.43 26.19
CA GLY A 14 -13.21 18.34 25.33
C GLY A 14 -12.60 18.44 23.93
N ILE A 15 -12.60 19.66 23.37
CA ILE A 15 -12.06 19.92 22.05
C ILE A 15 -10.58 19.53 22.02
N ALA A 16 -9.85 19.89 23.08
CA ALA A 16 -8.42 19.57 23.19
C ALA A 16 -8.21 18.06 23.33
N ALA A 17 -9.02 17.40 24.16
CA ALA A 17 -8.97 15.94 24.31
C ALA A 17 -9.22 15.22 22.99
N SER A 18 -10.23 15.66 22.23
CA SER A 18 -10.58 14.99 20.98
C SER A 18 -9.52 15.18 19.92
N GLY A 19 -8.92 16.37 19.88
CA GLY A 19 -7.84 16.68 18.95
C GLY A 19 -8.29 16.42 17.51
N PRO A 20 -7.44 15.80 16.65
CA PRO A 20 -7.77 15.64 15.24
C PRO A 20 -8.55 14.33 14.96
N ALA A 21 -8.98 13.65 16.02
CA ALA A 21 -9.57 12.32 15.87
C ALA A 21 -10.96 12.37 15.23
N PRO A 22 -11.88 13.30 15.59
CA PRO A 22 -13.16 13.36 14.89
C PRO A 22 -13.00 13.47 13.37
N ASP A 23 -12.12 14.38 12.93
CA ASP A 23 -11.91 14.65 11.51
C ASP A 23 -11.35 13.41 10.81
N LEU A 24 -10.39 12.76 11.46
CA LEU A 24 -9.76 11.59 10.84
C LEU A 24 -10.73 10.40 10.81
N ALA A 25 -11.55 10.25 11.85
CA ALA A 25 -12.47 9.12 11.92
C ALA A 25 -13.47 9.23 10.79
N ALA A 26 -13.98 10.45 10.58
CA ALA A 26 -14.99 10.73 9.58
C ALA A 26 -14.42 10.53 8.17
N ALA A 27 -13.23 11.11 7.89
CA ALA A 27 -12.58 10.95 6.58
C ALA A 27 -12.35 9.48 6.27
N ALA A 28 -11.85 8.72 7.24
CA ALA A 28 -11.51 7.33 6.95
C ALA A 28 -12.76 6.55 6.53
N ALA A 29 -13.87 6.77 7.23
CA ALA A 29 -15.12 6.06 6.98
C ALA A 29 -15.71 6.47 5.63
N PHE A 30 -15.78 7.78 5.34
CA PHE A 30 -16.26 8.23 4.05
C PHE A 30 -15.40 7.68 2.92
N LEU A 31 -14.08 7.68 3.11
CA LEU A 31 -13.21 7.28 2.02
C LEU A 31 -13.23 5.77 1.80
N GLU A 32 -13.28 4.96 2.88
CA GLU A 32 -13.33 3.51 2.70
C GLU A 32 -14.63 3.13 2.00
N MET A 33 -15.74 3.71 2.47
CA MET A 33 -17.05 3.49 1.90
C MET A 33 -17.03 3.89 0.41
N GLY A 34 -16.49 5.07 0.10
CA GLY A 34 -16.44 5.55 -1.28
C GLY A 34 -15.51 4.72 -2.16
N ASP A 35 -14.45 4.17 -1.56
CA ASP A 35 -13.50 3.39 -2.32
C ASP A 35 -14.08 2.02 -2.64
N ARG A 36 -14.87 1.46 -1.73
CA ARG A 36 -15.54 0.20 -1.99
C ARG A 36 -16.58 0.36 -3.10
N LEU A 37 -17.22 1.55 -3.19
CA LEU A 37 -18.18 1.90 -4.22
C LEU A 37 -17.50 2.13 -5.57
N GLY A 38 -16.19 2.43 -5.57
CA GLY A 38 -15.45 2.79 -6.77
C GLY A 38 -15.43 4.29 -7.04
N VAL A 39 -16.00 5.10 -6.12
CA VAL A 39 -16.15 6.54 -6.28
C VAL A 39 -14.80 7.25 -6.08
N VAL A 40 -13.99 6.77 -5.13
CA VAL A 40 -12.80 7.50 -4.73
C VAL A 40 -11.77 7.61 -5.87
N ALA A 41 -11.68 6.58 -6.73
CA ALA A 41 -10.80 6.66 -7.89
C ALA A 41 -11.16 7.85 -8.79
N HIS A 42 -12.36 8.40 -8.66
CA HIS A 42 -12.80 9.51 -9.48
C HIS A 42 -12.61 10.86 -8.77
N LEU A 43 -12.12 10.80 -7.53
CA LEU A 43 -11.92 12.01 -6.76
C LEU A 43 -10.48 12.45 -6.87
N ASP A 44 -10.30 13.72 -7.23
CA ASP A 44 -8.99 14.32 -7.43
C ASP A 44 -9.17 15.82 -7.28
N PRO A 45 -8.23 16.55 -6.63
CA PRO A 45 -8.36 17.99 -6.46
C PRO A 45 -8.26 18.74 -7.80
N ASP A 46 -7.71 18.08 -8.83
CA ASP A 46 -7.45 18.68 -10.12
C ASP A 46 -8.42 18.23 -11.21
N ARG A 47 -9.19 17.16 -10.98
CA ARG A 47 -10.17 16.77 -11.98
C ARG A 47 -11.58 16.78 -11.40
N THR A 48 -12.57 16.69 -12.29
CA THR A 48 -13.95 16.69 -11.85
C THR A 48 -14.56 15.31 -12.03
N LEU A 49 -15.56 15.04 -11.18
CA LEU A 49 -16.32 13.82 -11.19
C LEU A 49 -17.70 14.20 -11.74
N GLU A 50 -18.04 13.68 -12.93
CA GLU A 50 -19.33 13.93 -13.54
C GLU A 50 -20.28 12.79 -13.18
N THR A 51 -21.26 13.11 -12.34
CA THR A 51 -22.08 12.11 -11.66
C THR A 51 -22.84 11.26 -12.68
N ALA A 52 -23.31 11.90 -13.77
CA ALA A 52 -24.07 11.20 -14.80
C ALA A 52 -23.26 10.01 -15.31
N GLU A 53 -22.02 10.25 -15.73
CA GLU A 53 -21.15 9.21 -16.28
C GLU A 53 -20.64 8.25 -15.21
N VAL A 54 -20.29 8.78 -14.03
CA VAL A 54 -19.64 7.93 -13.02
C VAL A 54 -20.67 6.96 -12.45
N ALA A 55 -21.87 7.47 -12.15
CA ALA A 55 -22.95 6.64 -11.65
C ALA A 55 -23.21 5.47 -12.61
N ALA A 56 -23.21 5.78 -13.91
CA ALA A 56 -23.39 4.77 -14.93
C ALA A 56 -22.19 3.83 -14.96
N ALA A 57 -20.98 4.38 -14.90
CA ALA A 57 -19.81 3.52 -14.95
C ALA A 57 -19.77 2.58 -13.75
N LEU A 58 -20.31 3.04 -12.60
CA LEU A 58 -20.16 2.29 -11.35
C LEU A 58 -21.42 1.47 -11.09
N ASP A 59 -22.44 1.68 -11.94
CA ASP A 59 -23.70 0.95 -11.85
C ASP A 59 -24.40 1.27 -10.53
N LEU A 60 -24.50 2.57 -10.22
CA LEU A 60 -25.16 3.03 -9.00
C LEU A 60 -26.30 3.93 -9.42
N PRO A 61 -27.41 4.01 -8.64
CA PRO A 61 -28.44 5.00 -8.91
C PRO A 61 -27.76 6.36 -8.73
N GLU A 62 -27.86 7.20 -9.76
CA GLU A 62 -27.25 8.52 -9.73
C GLU A 62 -27.69 9.26 -8.46
N PRO A 63 -28.99 9.22 -8.06
CA PRO A 63 -29.42 9.95 -6.87
C PRO A 63 -28.69 9.55 -5.58
N ALA A 64 -28.36 8.26 -5.46
CA ALA A 64 -27.65 7.72 -4.31
C ALA A 64 -26.21 8.24 -4.30
N LEU A 65 -25.61 8.35 -5.49
CA LEU A 65 -24.27 8.88 -5.61
C LEU A 65 -24.28 10.36 -5.20
N VAL A 66 -25.33 11.07 -5.61
CA VAL A 66 -25.46 12.48 -5.32
C VAL A 66 -25.59 12.68 -3.81
N ARG A 67 -26.32 11.78 -3.13
CA ARG A 67 -26.53 11.96 -1.71
C ARG A 67 -25.21 11.69 -0.97
N TYR A 68 -24.44 10.71 -1.46
CA TYR A 68 -23.12 10.43 -0.89
C TYR A 68 -22.23 11.66 -1.09
N LEU A 69 -22.11 12.11 -2.34
CA LEU A 69 -21.23 13.24 -2.66
C LEU A 69 -21.64 14.50 -1.87
N ASP A 70 -22.94 14.72 -1.68
CA ASP A 70 -23.39 15.87 -0.91
C ASP A 70 -23.02 15.70 0.56
N ALA A 71 -22.98 14.46 1.05
CA ALA A 71 -22.53 14.21 2.43
C ALA A 71 -21.04 14.54 2.55
N VAL A 72 -20.23 14.08 1.59
CA VAL A 72 -18.80 14.35 1.58
C VAL A 72 -18.54 15.86 1.36
N GLU A 73 -19.44 16.53 0.65
CA GLU A 73 -19.30 17.96 0.46
C GLU A 73 -19.54 18.68 1.78
N SER A 74 -20.61 18.29 2.47
CA SER A 74 -20.85 18.83 3.80
C SER A 74 -19.63 18.60 4.70
N ALA A 75 -18.98 17.43 4.57
CA ALA A 75 -17.84 17.08 5.41
C ALA A 75 -16.64 17.97 5.11
N GLY A 76 -16.64 18.59 3.91
CA GLY A 76 -15.53 19.41 3.47
C GLY A 76 -14.50 18.64 2.63
N LEU A 77 -14.80 17.41 2.20
CA LEU A 77 -13.83 16.59 1.45
C LEU A 77 -13.94 16.80 -0.07
N VAL A 78 -15.12 17.21 -0.54
CA VAL A 78 -15.30 17.53 -1.96
C VAL A 78 -15.95 18.90 -2.08
N ILE A 79 -15.85 19.48 -3.27
CA ILE A 79 -16.43 20.77 -3.62
C ILE A 79 -17.40 20.53 -4.78
N ARG A 80 -18.62 21.08 -4.66
CA ARG A 80 -19.59 21.01 -5.75
C ARG A 80 -19.23 22.09 -6.76
N GLU A 81 -18.84 21.69 -7.98
CA GLU A 81 -18.40 22.61 -9.01
C GLU A 81 -19.59 23.16 -9.80
N GLY A 82 -20.53 22.28 -10.17
CA GLY A 82 -21.84 22.65 -10.64
C GLY A 82 -22.82 21.51 -10.41
N GLU A 83 -23.97 21.52 -11.09
CA GLU A 83 -24.88 20.40 -10.96
C GLU A 83 -24.22 19.15 -11.54
N GLY A 84 -24.22 18.08 -10.76
CA GLY A 84 -23.55 16.82 -11.08
C GLY A 84 -22.07 16.92 -11.44
N ARG A 85 -21.37 17.95 -10.94
CA ARG A 85 -19.92 18.01 -11.03
C ARG A 85 -19.34 18.29 -9.64
N TYR A 86 -18.33 17.51 -9.26
CA TYR A 86 -17.67 17.62 -7.96
C TYR A 86 -16.17 17.46 -8.18
N ARG A 87 -15.36 18.05 -7.29
CA ARG A 87 -13.93 17.80 -7.29
C ARG A 87 -13.46 17.67 -5.85
N ALA A 88 -12.31 17.02 -5.65
CA ALA A 88 -11.84 16.78 -4.29
C ALA A 88 -11.37 18.11 -3.68
N CYS A 89 -11.40 18.23 -2.36
CA CYS A 89 -10.89 19.41 -1.68
C CYS A 89 -9.39 19.52 -1.97
N PRO A 90 -8.77 20.71 -1.81
CA PRO A 90 -7.38 20.89 -2.24
C PRO A 90 -6.39 20.00 -1.49
N ASP A 91 -6.68 19.68 -0.22
CA ASP A 91 -5.76 18.87 0.55
C ASP A 91 -6.18 17.39 0.56
N PHE A 92 -6.98 16.97 -0.43
CA PHE A 92 -7.58 15.65 -0.42
C PHE A 92 -6.55 14.52 -0.33
N ASP A 93 -5.43 14.63 -1.06
CA ASP A 93 -4.44 13.57 -1.14
C ASP A 93 -3.80 13.30 0.22
N THR A 94 -3.63 14.34 1.03
CA THR A 94 -3.09 14.18 2.38
C THR A 94 -4.12 13.53 3.30
N ILE A 95 -5.38 13.95 3.16
CA ILE A 95 -6.47 13.38 3.92
C ILE A 95 -6.56 11.88 3.63
N ARG A 96 -6.54 11.53 2.34
CA ARG A 96 -6.61 10.14 1.91
C ARG A 96 -5.41 9.34 2.43
N HIS A 97 -4.22 9.95 2.42
CA HIS A 97 -3.01 9.29 2.87
C HIS A 97 -3.16 8.91 4.35
N GLN A 98 -3.64 9.86 5.16
CA GLN A 98 -3.81 9.59 6.58
C GLN A 98 -4.87 8.52 6.81
N ALA A 99 -5.98 8.57 6.02
CA ALA A 99 -7.03 7.58 6.10
C ALA A 99 -6.44 6.20 5.82
N GLY A 100 -5.38 6.14 5.01
CA GLY A 100 -4.72 4.87 4.71
C GLY A 100 -4.30 4.09 5.95
N TYR A 101 -3.75 4.79 6.95
CA TYR A 101 -3.29 4.14 8.17
C TYR A 101 -4.46 3.52 8.92
N ILE A 102 -5.56 4.27 9.02
CA ILE A 102 -6.75 3.84 9.73
C ILE A 102 -7.36 2.65 8.99
N SER A 103 -7.45 2.76 7.66
CA SER A 103 -8.00 1.68 6.85
C SER A 103 -7.17 0.41 7.04
N TRP A 104 -5.84 0.56 7.05
CA TRP A 104 -5.00 -0.62 7.19
C TRP A 104 -5.20 -1.31 8.55
N THR A 105 -5.08 -0.56 9.65
CA THR A 105 -5.23 -1.18 10.95
C THR A 105 -6.67 -1.63 11.24
N MET A 106 -7.68 -0.84 10.83
CA MET A 106 -9.05 -1.08 11.31
C MET A 106 -9.92 -1.84 10.31
N ASN A 107 -9.52 -1.86 9.04
CA ASN A 107 -10.32 -2.44 7.96
C ASN A 107 -9.59 -3.68 7.45
N ALA A 108 -8.44 -3.49 6.81
CA ALA A 108 -7.70 -4.62 6.26
C ALA A 108 -7.43 -5.71 7.32
N ASN A 109 -7.05 -5.31 8.53
CA ASN A 109 -6.68 -6.25 9.58
C ASN A 109 -7.83 -6.53 10.54
N ARG A 110 -9.06 -6.23 10.14
CA ARG A 110 -10.22 -6.39 11.01
C ARG A 110 -10.33 -7.82 11.52
N PRO A 111 -10.13 -8.88 10.69
CA PRO A 111 -10.30 -10.25 11.16
C PRO A 111 -9.42 -10.55 12.38
N PHE A 112 -8.26 -9.90 12.49
CA PHE A 112 -7.40 -10.06 13.65
C PHE A 112 -7.99 -9.38 14.88
N ILE A 113 -8.59 -8.21 14.67
CA ILE A 113 -9.14 -7.44 15.78
C ILE A 113 -10.30 -8.21 16.39
N GLU A 114 -11.18 -8.71 15.52
CA GLU A 114 -12.45 -9.27 15.97
C GLU A 114 -12.27 -10.68 16.57
N ASN A 115 -11.22 -11.40 16.16
CA ASN A 115 -11.19 -12.83 16.42
C ASN A 115 -9.90 -13.23 17.13
N ALA A 116 -9.32 -12.29 17.90
CA ALA A 116 -8.05 -12.52 18.55
C ALA A 116 -8.15 -13.73 19.49
N ARG A 117 -9.29 -13.87 20.18
CA ARG A 117 -9.53 -14.98 21.11
C ARG A 117 -9.28 -16.30 20.40
N ASP A 118 -9.86 -16.47 19.20
CA ASP A 118 -9.64 -17.65 18.39
C ASP A 118 -8.17 -17.84 18.06
N PHE A 119 -7.48 -16.74 17.72
CA PHE A 119 -6.10 -16.87 17.28
C PHE A 119 -5.23 -17.35 18.44
N PHE A 120 -5.63 -16.97 19.66
CA PHE A 120 -4.85 -17.23 20.86
C PHE A 120 -5.04 -18.69 21.30
N THR A 121 -6.15 -19.30 20.89
CA THR A 121 -6.51 -20.62 21.41
C THR A 121 -6.23 -21.72 20.38
N ASP A 122 -6.53 -21.46 19.10
CA ASP A 122 -6.22 -22.40 18.03
C ASP A 122 -5.84 -21.62 16.77
N TRP A 123 -4.54 -21.39 16.60
CA TRP A 123 -4.02 -20.51 15.56
C TRP A 123 -4.35 -21.05 14.17
N ASP A 124 -4.12 -22.35 13.94
CA ASP A 124 -4.29 -22.93 12.61
C ASP A 124 -5.74 -22.78 12.16
N LYS A 125 -6.69 -23.10 13.04
CA LYS A 125 -8.10 -23.02 12.65
C LYS A 125 -8.45 -21.56 12.37
N ALA A 126 -7.95 -20.66 13.22
CA ALA A 126 -8.22 -19.23 13.11
C ALA A 126 -7.69 -18.69 11.79
N ALA A 127 -6.41 -19.01 11.47
CA ALA A 127 -5.73 -18.51 10.28
C ALA A 127 -6.49 -18.84 9.00
N ARG A 128 -7.18 -19.98 8.94
CA ARG A 128 -7.91 -20.34 7.73
C ARG A 128 -9.38 -19.91 7.80
N THR A 129 -9.89 -19.62 9.01
CA THR A 129 -11.28 -19.20 9.14
C THR A 129 -11.44 -17.68 8.96
N HIS A 130 -10.51 -16.91 9.51
CA HIS A 130 -10.65 -15.46 9.57
C HIS A 130 -9.58 -14.84 8.69
N VAL A 131 -9.93 -14.58 7.44
CA VAL A 131 -8.98 -14.28 6.38
C VAL A 131 -9.15 -12.80 6.02
N ARG A 132 -8.07 -12.12 5.64
CA ARG A 132 -8.14 -10.72 5.25
C ARG A 132 -8.59 -10.61 3.79
N ASP A 133 -9.27 -9.51 3.47
CA ASP A 133 -9.60 -9.12 2.10
C ASP A 133 -8.41 -8.41 1.49
N TYR A 134 -7.72 -9.07 0.55
CA TYR A 134 -6.48 -8.53 -0.02
C TYR A 134 -6.72 -7.29 -0.88
N ARG A 135 -7.96 -7.06 -1.32
CA ARG A 135 -8.22 -5.80 -2.01
C ARG A 135 -8.04 -4.68 -0.99
N GLU A 136 -8.48 -4.91 0.25
CA GLU A 136 -8.36 -3.89 1.29
C GLU A 136 -6.91 -3.74 1.74
N VAL A 137 -6.20 -4.86 1.87
CA VAL A 137 -4.78 -4.81 2.17
C VAL A 137 -4.07 -3.93 1.14
N ALA A 138 -4.32 -4.18 -0.14
CA ALA A 138 -3.56 -3.52 -1.19
C ALA A 138 -3.91 -2.04 -1.29
N VAL A 139 -5.19 -1.71 -1.13
CA VAL A 139 -5.60 -0.32 -1.29
C VAL A 139 -5.12 0.54 -0.12
N SER A 140 -5.32 0.02 1.10
CA SER A 140 -4.93 0.76 2.30
C SER A 140 -3.42 0.98 2.27
N SER A 141 -2.68 -0.06 1.83
CA SER A 141 -1.24 0.06 1.64
C SER A 141 -0.89 1.18 0.65
N GLN A 142 -1.65 1.26 -0.45
CA GLN A 142 -1.40 2.28 -1.46
C GLN A 142 -1.61 3.68 -0.89
N TRP A 143 -2.66 3.85 -0.09
CA TRP A 143 -2.94 5.15 0.50
C TRP A 143 -1.82 5.58 1.46
N VAL A 144 -1.30 4.64 2.26
CA VAL A 144 -0.15 4.96 3.10
C VAL A 144 1.08 5.27 2.24
N GLY A 145 1.34 4.41 1.25
CA GLY A 145 2.51 4.52 0.37
C GLY A 145 2.63 5.88 -0.31
N SER A 146 1.48 6.48 -0.64
CA SER A 146 1.45 7.65 -1.52
C SER A 146 2.46 8.69 -1.04
N HIS A 147 2.51 8.89 0.28
CA HIS A 147 3.31 9.95 0.88
C HIS A 147 4.39 9.39 1.82
N ALA A 148 4.31 8.11 2.21
CA ALA A 148 5.16 7.65 3.30
C ALA A 148 6.14 6.53 2.91
N PHE A 149 6.02 5.96 1.70
CA PHE A 149 7.00 4.95 1.27
C PHE A 149 7.23 4.89 -0.24
N TYR A 150 6.27 5.33 -1.07
CA TYR A 150 6.51 5.37 -2.50
C TYR A 150 7.55 6.43 -2.88
N PRO A 151 7.48 7.69 -2.37
CA PRO A 151 8.34 8.76 -2.89
C PRO A 151 9.85 8.46 -2.94
N THR A 152 10.39 7.83 -1.90
CA THR A 152 11.83 7.58 -1.85
C THR A 152 12.22 6.52 -2.88
N ALA A 153 11.41 5.45 -2.96
CA ALA A 153 11.66 4.37 -3.91
C ALA A 153 11.44 4.88 -5.33
N LEU A 154 10.45 5.76 -5.52
CA LEU A 154 10.17 6.38 -6.80
C LEU A 154 11.42 7.12 -7.28
N ALA A 155 11.98 7.96 -6.40
CA ALA A 155 13.07 8.85 -6.75
C ALA A 155 14.35 8.08 -7.06
N THR A 156 14.55 6.95 -6.37
CA THR A 156 15.72 6.12 -6.58
C THR A 156 15.56 5.41 -7.92
N ILE A 157 14.35 4.95 -8.22
CA ILE A 157 14.10 4.25 -9.48
C ILE A 157 14.20 5.23 -10.64
N ILE A 158 13.67 6.45 -10.49
CA ILE A 158 13.63 7.42 -11.57
C ILE A 158 15.04 7.76 -12.06
N ASP A 159 15.96 8.07 -11.13
CA ASP A 159 17.38 8.09 -11.47
C ASP A 159 17.77 6.68 -11.93
N ALA A 160 18.88 6.57 -12.66
CA ALA A 160 19.26 5.28 -13.22
C ALA A 160 18.26 4.85 -14.29
N ALA A 161 17.39 5.80 -14.67
CA ALA A 161 16.42 5.72 -15.76
C ALA A 161 16.33 4.31 -16.32
N PRO A 162 15.47 3.43 -15.74
CA PRO A 162 15.36 2.04 -16.20
C PRO A 162 14.55 1.94 -17.50
N ARG A 163 14.62 0.75 -18.11
CA ARG A 163 13.78 0.41 -19.25
C ARG A 163 12.75 -0.62 -18.79
N LYS A 164 13.18 -1.52 -17.90
CA LYS A 164 12.33 -2.57 -17.38
C LYS A 164 12.34 -2.52 -15.84
N VAL A 165 11.14 -2.51 -15.25
CA VAL A 165 10.98 -2.57 -13.80
C VAL A 165 10.01 -3.69 -13.45
N VAL A 166 10.42 -4.52 -12.48
CA VAL A 166 9.56 -5.55 -11.94
C VAL A 166 9.31 -5.26 -10.46
N ASP A 167 8.03 -5.26 -10.08
CA ASP A 167 7.61 -5.09 -8.69
C ASP A 167 6.92 -6.38 -8.23
N LEU A 168 7.46 -6.99 -7.17
CA LEU A 168 6.95 -8.24 -6.64
C LEU A 168 6.04 -7.92 -5.45
N GLY A 169 4.87 -8.58 -5.38
CA GLY A 169 3.82 -8.27 -4.43
C GLY A 169 3.36 -6.82 -4.58
N ALA A 170 2.99 -6.46 -5.81
CA ALA A 170 2.84 -5.08 -6.26
C ALA A 170 1.56 -4.42 -5.75
N GLY A 171 0.64 -5.21 -5.17
CA GLY A 171 -0.67 -4.67 -4.80
C GLY A 171 -1.36 -4.03 -6.00
N THR A 172 -1.74 -2.75 -5.86
CA THR A 172 -2.55 -2.07 -6.86
C THR A 172 -1.68 -1.40 -7.91
N CYS A 173 -0.35 -1.61 -7.83
CA CYS A 173 0.64 -1.25 -8.82
C CYS A 173 0.87 0.25 -8.92
N ARG A 174 0.68 0.98 -7.81
CA ARG A 174 0.80 2.44 -7.85
C ARG A 174 2.25 2.87 -8.11
N LEU A 175 3.22 2.17 -7.52
CA LEU A 175 4.61 2.57 -7.66
C LEU A 175 5.06 2.46 -9.13
N LEU A 176 4.60 1.41 -9.81
CA LEU A 176 4.96 1.18 -11.21
C LEU A 176 4.27 2.22 -12.08
N ILE A 177 2.99 2.46 -11.81
CA ILE A 177 2.23 3.45 -12.55
C ILE A 177 2.99 4.77 -12.47
N GLU A 178 3.60 5.03 -11.31
CA GLU A 178 4.30 6.28 -11.10
C GLU A 178 5.65 6.30 -11.81
N VAL A 179 6.39 5.19 -11.74
CA VAL A 179 7.68 5.03 -12.40
C VAL A 179 7.50 5.23 -13.90
N LEU A 180 6.56 4.48 -14.49
CA LEU A 180 6.29 4.48 -15.92
C LEU A 180 5.82 5.87 -16.38
N GLY A 181 5.14 6.58 -15.48
CA GLY A 181 4.67 7.93 -15.74
C GLY A 181 5.81 8.95 -15.81
N ALA A 182 6.93 8.64 -15.14
CA ALA A 182 8.03 9.59 -15.01
C ALA A 182 9.18 9.26 -15.98
N VAL A 183 9.31 8.00 -16.40
CA VAL A 183 10.37 7.67 -17.35
C VAL A 183 9.72 7.18 -18.65
N PRO A 184 9.78 7.98 -19.74
CA PRO A 184 8.96 7.79 -20.94
C PRO A 184 8.99 6.42 -21.63
N GLY A 185 10.17 5.79 -21.68
CA GLY A 185 10.29 4.54 -22.43
C GLY A 185 10.53 3.34 -21.51
N SER A 186 9.63 3.12 -20.54
CA SER A 186 9.79 2.03 -19.60
C SER A 186 8.60 1.08 -19.64
N THR A 187 8.90 -0.21 -19.43
CA THR A 187 7.90 -1.26 -19.28
C THR A 187 7.91 -1.71 -17.82
N GLY A 188 6.76 -2.19 -17.34
CA GLY A 188 6.64 -2.69 -15.99
C GLY A 188 5.86 -3.99 -15.93
N VAL A 189 6.30 -4.87 -15.03
CA VAL A 189 5.56 -6.06 -14.67
C VAL A 189 5.28 -6.01 -13.17
N GLY A 190 4.00 -6.06 -12.80
CA GLY A 190 3.57 -6.15 -11.41
C GLY A 190 3.05 -7.55 -11.09
N LEU A 191 3.69 -8.21 -10.11
CA LEU A 191 3.41 -9.58 -9.72
C LEU A 191 2.72 -9.60 -8.36
N ASP A 192 1.63 -10.35 -8.22
CA ASP A 192 0.92 -10.40 -6.95
C ASP A 192 0.08 -11.67 -6.85
N PHE A 193 0.05 -12.29 -5.67
CA PHE A 193 -0.58 -13.60 -5.48
C PHE A 193 -2.10 -13.50 -5.34
N ALA A 194 -2.63 -12.28 -5.17
CA ALA A 194 -4.04 -12.13 -4.81
C ALA A 194 -4.85 -11.68 -6.02
N ALA A 195 -5.78 -12.54 -6.46
CA ALA A 195 -6.74 -12.21 -7.50
C ALA A 195 -7.31 -10.81 -7.28
N ASP A 196 -7.73 -10.54 -6.03
CA ASP A 196 -8.45 -9.33 -5.66
C ASP A 196 -7.56 -8.09 -5.86
N ALA A 197 -6.28 -8.22 -5.50
CA ALA A 197 -5.33 -7.14 -5.69
C ALA A 197 -5.09 -6.93 -7.19
N CYS A 198 -4.94 -8.03 -7.93
CA CYS A 198 -4.64 -8.00 -9.36
C CYS A 198 -5.77 -7.32 -10.13
N ARG A 199 -7.02 -7.67 -9.80
CA ARG A 199 -8.19 -7.06 -10.40
C ARG A 199 -8.16 -5.55 -10.16
N ALA A 200 -7.89 -5.15 -8.91
CA ALA A 200 -7.81 -3.74 -8.55
C ALA A 200 -6.73 -3.07 -9.39
N ALA A 201 -5.58 -3.74 -9.52
CA ALA A 201 -4.41 -3.21 -10.24
C ALA A 201 -4.71 -3.00 -11.72
N GLU A 202 -5.28 -4.01 -12.39
CA GLU A 202 -5.54 -3.96 -13.83
C GLU A 202 -6.44 -2.77 -14.13
N GLN A 203 -7.45 -2.58 -13.27
CA GLN A 203 -8.37 -1.46 -13.35
C GLN A 203 -7.60 -0.15 -13.22
N ALA A 204 -6.72 -0.06 -12.21
CA ALA A 204 -5.96 1.17 -11.96
C ALA A 204 -5.02 1.46 -13.13
N VAL A 205 -4.32 0.43 -13.61
CA VAL A 205 -3.39 0.53 -14.71
C VAL A 205 -4.10 1.01 -15.97
N ALA A 206 -5.28 0.43 -16.25
CA ALA A 206 -6.12 0.86 -17.37
C ALA A 206 -6.52 2.33 -17.21
N GLN A 207 -6.95 2.70 -16.01
CA GLN A 207 -7.38 4.07 -15.72
C GLN A 207 -6.23 5.05 -15.95
N ALA A 208 -4.99 4.57 -15.89
CA ALA A 208 -3.82 5.41 -16.09
C ALA A 208 -3.24 5.24 -17.50
N GLY A 209 -3.93 4.45 -18.35
CA GLY A 209 -3.62 4.32 -19.76
C GLY A 209 -2.29 3.61 -20.03
N MET A 210 -1.97 2.61 -19.20
CA MET A 210 -0.66 1.97 -19.25
C MET A 210 -0.83 0.46 -19.37
N THR A 211 -2.05 0.04 -19.70
CA THR A 211 -2.41 -1.38 -19.76
C THR A 211 -1.44 -2.12 -20.67
N ASP A 212 -0.99 -1.43 -21.73
CA ASP A 212 -0.12 -2.00 -22.75
C ASP A 212 1.36 -1.85 -22.39
N ARG A 213 1.67 -1.06 -21.34
CA ARG A 213 3.04 -0.86 -20.91
C ARG A 213 3.33 -1.66 -19.63
N LEU A 214 2.29 -1.93 -18.83
CA LEU A 214 2.45 -2.46 -17.48
C LEU A 214 1.58 -3.71 -17.35
N THR A 215 2.23 -4.87 -17.17
CA THR A 215 1.52 -6.14 -17.11
C THR A 215 1.34 -6.59 -15.67
N VAL A 216 0.14 -7.10 -15.39
CA VAL A 216 -0.18 -7.64 -14.07
C VAL A 216 -0.23 -9.16 -14.17
N VAL A 217 0.65 -9.82 -13.42
CA VAL A 217 0.71 -11.28 -13.43
C VAL A 217 0.41 -11.82 -12.04
N GLU A 218 -0.66 -12.62 -11.96
CA GLU A 218 -1.13 -13.22 -10.73
C GLU A 218 -0.31 -14.48 -10.42
N ARG A 219 0.75 -14.31 -9.64
CA ARG A 219 1.65 -15.37 -9.25
C ARG A 219 2.14 -15.09 -7.82
N THR A 220 2.62 -16.14 -7.13
CA THR A 220 3.28 -15.99 -5.85
C THR A 220 4.71 -15.52 -6.09
N ILE A 221 5.33 -14.94 -5.04
CA ILE A 221 6.72 -14.55 -5.14
C ILE A 221 7.57 -15.82 -5.10
N GLN A 222 7.05 -16.85 -4.43
CA GLN A 222 7.66 -18.17 -4.40
C GLN A 222 7.87 -18.68 -5.83
N SER A 223 6.88 -18.46 -6.71
CA SER A 223 6.93 -18.80 -8.13
C SER A 223 8.29 -18.45 -8.73
N VAL A 224 8.82 -17.29 -8.31
CA VAL A 224 9.99 -16.68 -8.93
C VAL A 224 11.25 -17.52 -8.67
N ALA A 225 11.22 -18.33 -7.59
CA ALA A 225 12.38 -19.15 -7.25
C ALA A 225 12.63 -20.21 -8.31
N THR A 226 11.55 -20.80 -8.85
CA THR A 226 11.63 -21.90 -9.79
C THR A 226 11.44 -21.42 -11.22
N ASP A 227 10.62 -20.37 -11.41
CA ASP A 227 10.31 -19.85 -12.72
C ASP A 227 10.75 -18.39 -12.82
N PRO A 228 12.06 -18.07 -12.86
CA PRO A 228 12.53 -16.69 -12.90
C PRO A 228 12.31 -16.01 -14.26
N GLY A 229 11.51 -16.68 -15.11
CA GLY A 229 11.22 -16.18 -16.45
C GLY A 229 10.23 -15.02 -16.41
N VAL A 230 10.56 -14.00 -15.61
CA VAL A 230 9.77 -12.78 -15.49
C VAL A 230 10.70 -11.63 -15.12
N LEU A 231 11.84 -11.96 -14.51
CA LEU A 231 12.81 -10.98 -14.04
C LEU A 231 13.69 -10.48 -15.19
N GLU A 232 14.42 -11.42 -15.83
CA GLU A 232 15.52 -11.11 -16.75
C GLU A 232 15.14 -9.95 -17.67
N GLY A 233 16.11 -9.05 -17.88
CA GLY A 233 15.90 -7.83 -18.64
C GLY A 233 15.72 -6.62 -17.73
N ALA A 234 15.43 -6.87 -16.45
CA ALA A 234 15.04 -5.84 -15.50
C ALA A 234 16.24 -4.99 -15.09
N ASP A 235 16.06 -3.67 -15.15
CA ASP A 235 17.04 -2.71 -14.65
C ASP A 235 16.88 -2.58 -13.13
N VAL A 236 15.62 -2.63 -12.66
CA VAL A 236 15.31 -2.61 -11.24
C VAL A 236 14.24 -3.66 -10.94
N ILE A 237 14.50 -4.41 -9.87
CA ILE A 237 13.49 -5.24 -9.22
C ILE A 237 13.18 -4.61 -7.86
N HIS A 238 11.89 -4.40 -7.60
CA HIS A 238 11.39 -3.86 -6.34
C HIS A 238 10.46 -4.89 -5.69
N ALA A 239 10.42 -4.88 -4.36
CA ALA A 239 9.51 -5.70 -3.58
C ALA A 239 9.15 -4.96 -2.29
N GLY A 240 7.86 -4.57 -2.19
CA GLY A 240 7.36 -3.80 -1.06
C GLY A 240 6.45 -4.63 -0.17
N PHE A 241 6.95 -4.96 1.04
CA PHE A 241 6.16 -5.63 2.07
C PHE A 241 5.64 -6.98 1.58
N VAL A 242 6.52 -7.78 0.92
CA VAL A 242 6.17 -9.12 0.48
C VAL A 242 7.22 -10.14 0.95
N PHE A 243 8.49 -9.75 0.99
CA PHE A 243 9.54 -10.72 1.25
C PHE A 243 9.27 -11.50 2.54
N HIS A 244 8.73 -10.79 3.53
CA HIS A 244 8.48 -11.39 4.83
C HIS A 244 7.46 -12.52 4.71
N ASP A 245 6.75 -12.59 3.58
CA ASP A 245 5.69 -13.57 3.46
C ASP A 245 6.24 -14.98 3.27
N MET A 246 7.57 -15.10 3.15
CA MET A 246 8.15 -16.43 3.07
C MET A 246 9.13 -16.70 4.20
N LEU A 247 9.02 -15.91 5.28
CA LEU A 247 9.82 -16.15 6.48
C LEU A 247 8.91 -16.33 7.70
N PRO A 248 9.25 -17.21 8.68
CA PRO A 248 10.53 -17.93 8.67
C PRO A 248 10.46 -19.32 8.03
N GLU A 249 9.35 -19.60 7.35
CA GLU A 249 8.97 -20.95 6.96
C GLU A 249 9.62 -21.37 5.65
N GLU A 250 9.88 -20.42 4.75
CA GLU A 250 10.38 -20.76 3.43
C GLU A 250 11.70 -20.04 3.17
N GLU A 251 12.57 -20.11 4.18
CA GLU A 251 13.87 -19.44 4.20
C GLU A 251 14.64 -19.73 2.91
N ASP A 252 14.70 -21.01 2.53
CA ASP A 252 15.47 -21.46 1.39
C ASP A 252 14.93 -20.86 0.10
N VAL A 253 13.60 -20.83 -0.04
CA VAL A 253 12.92 -20.28 -1.21
C VAL A 253 13.26 -18.80 -1.35
N CYS A 254 13.24 -18.09 -0.21
CA CYS A 254 13.60 -16.68 -0.13
C CYS A 254 15.00 -16.45 -0.69
N ASP A 255 15.93 -17.34 -0.34
CA ASP A 255 17.34 -17.19 -0.74
C ASP A 255 17.52 -17.53 -2.22
N GLN A 256 16.66 -18.41 -2.75
CA GLN A 256 16.68 -18.70 -4.16
C GLN A 256 16.08 -17.52 -4.96
N VAL A 257 15.00 -16.92 -4.44
CA VAL A 257 14.45 -15.75 -5.07
C VAL A 257 15.51 -14.64 -5.10
N LEU A 258 16.33 -14.59 -4.05
CA LEU A 258 17.31 -13.52 -3.95
C LEU A 258 18.44 -13.76 -4.93
N ALA A 259 18.89 -15.02 -5.01
CA ALA A 259 19.95 -15.42 -5.94
C ALA A 259 19.51 -15.14 -7.38
N ASN A 260 18.25 -15.52 -7.70
CA ASN A 260 17.65 -15.31 -9.01
C ASN A 260 17.62 -13.83 -9.37
N CYS A 261 17.33 -12.97 -8.37
CA CYS A 261 17.22 -11.54 -8.55
C CYS A 261 18.58 -10.97 -8.96
N ARG A 262 19.62 -11.36 -8.22
CA ARG A 262 21.00 -10.98 -8.48
C ARG A 262 21.38 -11.27 -9.94
N GLU A 263 21.00 -12.46 -10.41
CA GLU A 263 21.37 -12.90 -11.76
C GLU A 263 20.66 -12.03 -12.81
N SER A 264 19.33 -11.95 -12.71
CA SER A 264 18.46 -11.45 -13.78
C SER A 264 18.69 -9.98 -14.10
N LEU A 265 19.45 -9.30 -13.24
CA LEU A 265 19.60 -7.85 -13.33
C LEU A 265 20.60 -7.48 -14.42
N ALA A 266 20.29 -6.40 -15.15
CA ALA A 266 21.25 -5.73 -16.01
C ALA A 266 22.44 -5.28 -15.15
N PRO A 267 23.68 -5.22 -15.70
CA PRO A 267 24.90 -5.12 -14.89
C PRO A 267 25.04 -3.86 -14.03
N GLY A 268 24.17 -2.86 -14.28
CA GLY A 268 24.18 -1.63 -13.50
C GLY A 268 23.13 -1.62 -12.39
N GLY A 269 22.02 -2.33 -12.60
CA GLY A 269 20.81 -2.22 -11.80
C GLY A 269 20.93 -2.77 -10.38
N PHE A 270 19.75 -2.87 -9.73
CA PHE A 270 19.67 -3.13 -8.29
C PHE A 270 18.31 -3.74 -7.90
N LEU A 271 18.35 -4.44 -6.77
CA LEU A 271 17.17 -4.84 -6.02
C LEU A 271 16.90 -3.77 -4.97
N ALA A 272 15.63 -3.37 -4.89
CA ALA A 272 15.18 -2.46 -3.85
C ALA A 272 14.08 -3.14 -3.05
N ILE A 273 14.29 -3.23 -1.73
CA ILE A 273 13.29 -3.85 -0.89
C ILE A 273 12.74 -2.82 0.10
N THR A 274 11.44 -2.55 -0.02
CA THR A 274 10.68 -1.82 1.00
C THR A 274 10.08 -2.85 1.95
N ASP A 275 10.42 -2.75 3.23
CA ASP A 275 9.83 -3.68 4.16
C ASP A 275 9.85 -3.08 5.56
N ALA A 276 9.24 -3.81 6.51
CA ALA A 276 9.00 -3.35 7.87
C ALA A 276 9.96 -4.04 8.82
N VAL A 277 10.61 -3.24 9.68
CA VAL A 277 11.45 -3.82 10.72
C VAL A 277 10.66 -3.87 12.03
N PRO A 278 10.91 -4.89 12.89
CA PRO A 278 10.06 -5.16 14.06
C PRO A 278 10.28 -4.24 15.25
N TYR A 279 9.15 -3.90 15.89
CA TYR A 279 9.03 -3.29 17.21
C TYR A 279 10.09 -2.23 17.50
N LEU A 280 10.07 -1.11 16.76
CA LEU A 280 11.01 -0.03 17.09
C LEU A 280 10.62 0.64 18.41
N ARG A 281 11.59 1.32 19.04
CA ARG A 281 11.37 1.85 20.38
C ARG A 281 11.31 3.38 20.35
N ASN A 282 11.80 4.00 19.28
CA ASN A 282 11.88 5.45 19.26
C ASN A 282 10.45 6.03 19.33
N ASP A 283 10.32 7.21 19.90
CA ASP A 283 9.01 7.79 20.19
C ASP A 283 8.13 7.91 18.93
N ARG A 284 8.69 8.39 17.83
CA ARG A 284 7.88 8.63 16.64
C ARG A 284 7.34 7.32 16.04
N GLU A 285 8.21 6.30 15.93
CA GLU A 285 7.84 5.10 15.20
C GLU A 285 7.13 4.07 16.07
N ARG A 286 7.27 4.12 17.40
CA ARG A 286 7.01 2.93 18.20
C ARG A 286 5.56 2.43 18.11
N ARG A 287 4.59 3.36 18.07
CA ARG A 287 3.23 2.90 18.27
C ARG A 287 2.73 2.18 17.02
N PHE A 288 2.93 2.78 15.85
CA PHE A 288 2.52 2.11 14.63
C PHE A 288 3.41 0.89 14.36
N SER A 289 4.71 0.99 14.68
CA SER A 289 5.63 -0.13 14.56
C SER A 289 5.07 -1.36 15.27
N ALA A 290 4.59 -1.15 16.50
CA ALA A 290 4.09 -2.23 17.33
C ALA A 290 2.87 -2.89 16.68
N ALA A 291 1.99 -2.09 16.06
CA ALA A 291 0.80 -2.65 15.42
C ALA A 291 1.19 -3.50 14.21
N VAL A 292 2.11 -3.00 13.39
CA VAL A 292 2.56 -3.73 12.20
C VAL A 292 3.25 -5.06 12.61
N SER A 293 4.11 -4.97 13.62
CA SER A 293 4.85 -6.08 14.19
C SER A 293 3.91 -7.09 14.85
N TYR A 294 2.89 -6.62 15.57
CA TYR A 294 2.01 -7.55 16.27
C TYR A 294 1.12 -8.30 15.29
N TYR A 295 0.61 -7.57 14.29
CA TYR A 295 -0.21 -8.20 13.27
C TYR A 295 0.66 -9.23 12.53
N HIS A 296 1.91 -8.88 12.21
CA HIS A 296 2.74 -9.81 11.46
C HIS A 296 3.16 -11.00 12.32
N GLY A 297 3.72 -10.70 13.49
CA GLY A 297 4.24 -11.72 14.40
C GLY A 297 3.15 -12.68 14.84
N GLU A 298 2.08 -12.11 15.43
CA GLU A 298 1.13 -12.90 16.18
C GLU A 298 0.09 -13.52 15.25
N PHE A 299 -0.38 -12.73 14.27
CA PHE A 299 -1.58 -13.11 13.55
C PHE A 299 -1.22 -13.79 12.23
N MET A 300 -0.14 -13.31 11.58
CA MET A 300 0.20 -13.81 10.27
C MET A 300 1.37 -14.79 10.38
N ARG A 301 2.01 -14.81 11.55
CA ARG A 301 3.24 -15.54 11.81
C ARG A 301 4.19 -15.37 10.63
N ARG A 302 4.45 -14.11 10.27
CA ARG A 302 5.51 -13.80 9.34
C ARG A 302 6.62 -13.10 10.11
N ARG A 303 7.86 -13.42 9.75
CA ARG A 303 9.02 -12.87 10.45
C ARG A 303 9.44 -11.57 9.79
N LEU A 304 9.37 -10.47 10.54
CA LEU A 304 9.95 -9.21 10.11
C LEU A 304 11.39 -9.22 10.62
N GLN A 305 12.34 -8.87 9.75
CA GLN A 305 13.75 -8.82 10.11
C GLN A 305 14.15 -7.39 10.43
N SER A 306 15.14 -7.24 11.30
CA SER A 306 15.76 -5.96 11.60
C SER A 306 16.56 -5.48 10.39
N GLU A 307 16.99 -4.21 10.47
CA GLU A 307 17.88 -3.60 9.49
C GLU A 307 19.15 -4.45 9.33
N GLU A 308 19.77 -4.80 10.46
CA GLU A 308 21.01 -5.57 10.49
C GLU A 308 20.82 -6.88 9.72
N GLU A 309 19.78 -7.64 10.08
CA GLU A 309 19.48 -8.94 9.52
C GLU A 309 19.25 -8.81 8.01
N TRP A 310 18.56 -7.73 7.59
CA TRP A 310 18.26 -7.57 6.18
C TRP A 310 19.54 -7.32 5.39
N VAL A 311 20.38 -6.46 5.93
CA VAL A 311 21.64 -6.09 5.30
C VAL A 311 22.50 -7.36 5.18
N GLU A 312 22.60 -8.09 6.30
CA GLU A 312 23.26 -9.39 6.39
C GLU A 312 22.82 -10.30 5.24
N ARG A 313 21.50 -10.40 5.05
CA ARG A 313 20.92 -11.32 4.10
C ARG A 313 21.22 -10.89 2.67
N LEU A 314 21.15 -9.59 2.39
CA LEU A 314 21.35 -9.14 1.02
C LEU A 314 22.80 -9.35 0.59
N ARG A 315 23.73 -9.27 1.55
CA ARG A 315 25.14 -9.55 1.31
C ARG A 315 25.36 -11.03 1.03
N GLY A 316 24.94 -11.89 1.98
CA GLY A 316 24.99 -13.34 1.84
C GLY A 316 24.01 -13.85 0.77
N ALA A 317 23.63 -12.95 -0.15
CA ALA A 317 22.90 -13.32 -1.35
C ALA A 317 23.69 -12.87 -2.57
N GLY A 318 24.80 -12.17 -2.29
CA GLY A 318 25.79 -11.84 -3.32
C GLY A 318 25.60 -10.43 -3.87
N PHE A 319 24.86 -9.59 -3.13
CA PHE A 319 24.71 -8.19 -3.47
C PHE A 319 25.80 -7.38 -2.75
N SER A 320 26.22 -6.31 -3.41
CA SER A 320 27.19 -5.40 -2.84
C SER A 320 26.60 -4.00 -2.82
N ASP A 321 27.15 -3.15 -1.94
CA ASP A 321 26.78 -1.74 -1.83
C ASP A 321 25.37 -1.64 -1.25
N VAL A 322 25.08 -2.47 -0.25
CA VAL A 322 23.74 -2.57 0.30
C VAL A 322 23.60 -1.59 1.47
N ARG A 323 22.61 -0.71 1.38
CA ARG A 323 22.34 0.23 2.44
C ARG A 323 20.84 0.33 2.70
N ALA A 324 20.52 0.85 3.90
CA ALA A 324 19.17 0.97 4.41
C ALA A 324 18.86 2.45 4.57
N LEU A 325 17.66 2.87 4.15
CA LEU A 325 17.23 4.25 4.28
C LEU A 325 15.98 4.30 5.17
N THR A 326 15.84 5.36 5.98
CA THR A 326 14.65 5.51 6.81
C THR A 326 13.51 6.06 5.97
N LEU A 327 12.34 5.41 6.03
CA LEU A 327 11.12 5.90 5.39
C LEU A 327 10.21 6.58 6.43
N ALA A 328 9.28 7.41 5.94
CA ALA A 328 8.33 8.13 6.78
C ALA A 328 7.35 7.18 7.47
N VAL A 329 6.90 6.12 6.76
CA VAL A 329 6.00 5.17 7.38
C VAL A 329 6.71 4.52 8.58
N PRO A 330 6.16 4.61 9.83
CA PRO A 330 6.85 4.07 10.99
C PRO A 330 7.35 2.64 10.79
N ALA A 331 8.64 2.43 11.10
CA ALA A 331 9.36 1.17 10.99
C ALA A 331 9.50 0.69 9.55
N GLY A 332 9.33 1.59 8.59
CA GLY A 332 9.52 1.28 7.18
C GLY A 332 10.96 1.58 6.79
N ARG A 333 11.59 0.64 6.05
CA ARG A 333 12.98 0.81 5.64
C ARG A 333 13.14 0.43 4.16
N LEU A 334 13.95 1.22 3.45
CA LEU A 334 14.27 0.93 2.05
C LEU A 334 15.68 0.35 1.97
N PHE A 335 15.79 -0.86 1.42
CA PHE A 335 17.09 -1.51 1.27
C PHE A 335 17.45 -1.51 -0.21
N LEU A 336 18.64 -0.96 -0.49
CA LEU A 336 19.14 -0.90 -1.86
C LEU A 336 20.33 -1.85 -1.97
N ALA A 337 20.21 -2.81 -2.89
CA ALA A 337 21.20 -3.85 -3.11
C ALA A 337 21.53 -3.91 -4.60
N HIS A 338 22.81 -3.66 -4.94
CA HIS A 338 23.23 -3.60 -6.33
C HIS A 338 23.96 -4.89 -6.73
N SAH B . 3.74 -3.38 -2.96
CA SAH B . 2.45 -3.02 -2.33
CB SAH B . 2.24 -3.91 -1.11
CG SAH B . 0.82 -4.17 -0.79
SD SAH B . 0.74 -5.06 0.76
C SAH B . 2.53 -1.57 -1.85
O SAH B . 3.62 -1.20 -1.41
OXT SAH B . 1.57 -0.80 -1.88
C5' SAH B . 1.38 -6.73 0.42
C4' SAH B . 1.06 -7.27 -0.96
O4' SAH B . 1.75 -8.53 -1.18
C3' SAH B . -0.43 -7.56 -1.20
O3' SAH B . -0.85 -6.98 -2.43
C2' SAH B . -0.50 -9.10 -1.17
O2' SAH B . -1.54 -9.62 -1.97
C1' SAH B . 0.87 -9.46 -1.73
N9 SAH B . 1.35 -10.79 -1.36
C8 SAH B . 1.22 -11.42 -0.15
N7 SAH B . 1.81 -12.59 -0.10
C5 SAH B . 2.36 -12.75 -1.36
C6 SAH B . 3.11 -13.80 -1.94
N6 SAH B . 3.45 -14.90 -1.29
N1 SAH B . 3.50 -13.64 -3.23
C2 SAH B . 3.17 -12.51 -3.88
N3 SAH B . 2.49 -11.46 -3.43
C4 SAH B . 2.10 -11.64 -2.15
ZN ZN C . 2.74 -8.27 5.27
C1 Y9E D . 2.08 -3.31 4.43
C2 Y9E D . 1.94 -1.95 5.06
C3 Y9E D . 2.89 -1.48 5.95
C4 Y9E D . 2.73 -0.24 6.56
C5 Y9E D . 1.61 0.52 6.30
C6 Y9E D . 0.66 0.05 5.43
C7 Y9E D . 0.81 -1.19 4.83
C8 Y9E D . 1.33 -4.30 5.31
C9 Y9E D . 1.45 -5.76 4.96
C10 Y9E D . 0.37 -6.53 5.01
O11 Y9E D . 2.59 -6.16 4.67
O12 Y9E D . 0.45 -7.74 4.85
O13 Y9E D . -0.73 -6.00 5.25
#